data_4EN7
#
_entry.id   4EN7
#
_cell.length_a   175.967
_cell.length_b   175.967
_cell.length_c   80.753
_cell.angle_alpha   90.00
_cell.angle_beta   90.00
_cell.angle_gamma   120.00
#
_symmetry.space_group_name_H-M   'P 63'
#
loop_
_entity.id
_entity.type
_entity.pdbx_description
1 polymer 'Hemagglutinin components HA-22/23/53'
2 polymer 'Hemagglutinin components HA-22/23/53'
3 branched 'N-acetyl-alpha-neuraminic acid-(2-3)-beta-D-galactopyranose-(1-4)-2-acetamido-2-deoxy-beta-D-glucopyranose'
4 non-polymer (4R)-2-METHYLPENTANE-2,4-DIOL
5 water water
#
loop_
_entity_poly.entity_id
_entity_poly.type
_entity_poly.pdbx_seq_one_letter_code
_entity_poly.pdbx_strand_id
1 'polypeptide(L)'
;ISEFDYKDHDIDYKDDDDKWIMSLSIKELYYTKDKSINNVNLADGNYVVNRGDGWILSRQNQNLGGNISNNGCTAIVGDL
RIRETATPYYYPTASFNEEYIKNNVQNVFANFTEASEIPIGFEFSKTAPSNKSLYMYLQYTYIRYEIIKVLQNTVTERAV
LYVPSLGYVKSIEFNSEEQIDKNFYFTSQDKCILNEKFIYKKIDDTITVKESKNSNNNINFNTS
;
A
2 'polypeptide(L)'
;QTILPYPNGLYVINKGDGYMRTNDKDLIGTLLIESSTSGSIIQPRLRNTTRPLFNTSNPTIFSQEYTEARLNDAFNIQLF
NTSTTLFKFVEEAPTNKNISMKVYNTYEKYELINYQNGNIDDKAEYYLPSLGKCEVSDAPSPQAPVVETPVDQDGFIQTG
PNENIIVGVINPSENIEEISTPIPDDYTYNIPTSIQNNACYVLFKVNTTGVYKITTKNNLPPLIIYEAIGSSNRNMNSNN
LSNDNIKAIKYITGLNRSDAKSYLIVSLFKDKNYYIRIPQISSSTTSQLIFKRELGNISDLADSTVNILDNLNTSGTHYY
TRQSPDVGNYISYQLTIPGDFNNIASSIFSFRTRNNQGIGTLYRLTESINGYNLITINNYSDLLNNVEPISLLNGATYIF
RVKVTELNNYNIIFDAYRNS
;
B
#
loop_
_chem_comp.id
_chem_comp.type
_chem_comp.name
_chem_comp.formula
GAL D-saccharide, beta linking beta-D-galactopyranose 'C6 H12 O6'
MRD non-polymer (4R)-2-METHYLPENTANE-2,4-DIOL 'C6 H14 O2'
NAG D-saccharide, beta linking 2-acetamido-2-deoxy-beta-D-glucopyranose 'C8 H15 N O6'
SIA D-saccharide, alpha linking 'N-acetyl-alpha-neuraminic acid' 'C11 H19 N O9'
#
# COMPACT_ATOMS: atom_id res chain seq x y z
N SER A 36 -19.83 -14.17 7.68
CA SER A 36 -18.46 -13.68 7.32
C SER A 36 -17.36 -14.67 7.74
N ILE A 37 -16.22 -14.12 8.14
CA ILE A 37 -15.06 -14.90 8.53
C ILE A 37 -15.08 -15.34 10.01
N ASN A 38 -16.11 -14.93 10.74
CA ASN A 38 -16.20 -15.28 12.15
C ASN A 38 -17.29 -16.30 12.47
N ASN A 39 -17.96 -16.80 11.44
CA ASN A 39 -19.03 -17.76 11.64
C ASN A 39 -18.55 -19.20 11.55
N VAL A 40 -18.37 -19.83 12.72
CA VAL A 40 -17.93 -21.21 12.76
C VAL A 40 -19.03 -22.08 13.34
N ASN A 41 -19.04 -23.35 12.94
CA ASN A 41 -20.04 -24.28 13.45
C ASN A 41 -19.38 -25.15 14.52
N LEU A 42 -18.98 -24.51 15.62
CA LEU A 42 -18.33 -25.19 16.73
C LEU A 42 -18.95 -24.81 18.07
N ALA A 43 -18.94 -25.76 19.00
CA ALA A 43 -19.47 -25.51 20.32
C ALA A 43 -18.65 -24.41 20.98
N ASP A 44 -19.18 -23.82 22.05
CA ASP A 44 -18.48 -22.74 22.73
C ASP A 44 -17.19 -23.23 23.39
N GLY A 45 -16.12 -22.45 23.21
CA GLY A 45 -14.83 -22.80 23.79
C GLY A 45 -13.65 -22.25 23.03
N ASN A 46 -12.45 -22.64 23.44
CA ASN A 46 -11.24 -22.19 22.78
C ASN A 46 -10.63 -23.30 21.93
N TYR A 47 -10.35 -22.99 20.67
CA TYR A 47 -9.79 -23.95 19.74
C TYR A 47 -8.47 -23.48 19.15
N VAL A 48 -7.67 -24.44 18.69
CA VAL A 48 -6.41 -24.15 18.03
C VAL A 48 -6.64 -24.66 16.61
N VAL A 49 -6.47 -23.77 15.64
CA VAL A 49 -6.73 -24.13 14.25
C VAL A 49 -5.54 -24.01 13.31
N ASN A 50 -5.43 -24.99 12.42
CA ASN A 50 -4.38 -25.04 11.42
C ASN A 50 -5.05 -24.48 10.17
N ARG A 51 -4.73 -23.25 9.81
CA ARG A 51 -5.33 -22.62 8.64
C ARG A 51 -4.66 -23.06 7.34
N GLY A 52 -3.66 -23.93 7.45
CA GLY A 52 -2.98 -24.43 6.27
C GLY A 52 -1.62 -23.82 5.94
N ASP A 53 -0.87 -24.54 5.13
CA ASP A 53 0.45 -24.11 4.68
C ASP A 53 0.18 -23.24 3.44
N GLY A 54 1.20 -22.54 2.95
CA GLY A 54 1.02 -21.73 1.75
C GLY A 54 0.61 -20.27 1.91
N TRP A 55 0.77 -19.72 3.10
CA TRP A 55 0.41 -18.32 3.34
C TRP A 55 1.54 -17.34 3.05
N ILE A 56 1.24 -16.28 2.30
CA ILE A 56 2.24 -15.24 2.03
C ILE A 56 1.75 -13.99 2.75
N LEU A 57 2.68 -13.21 3.29
CA LEU A 57 2.30 -12.01 4.03
C LEU A 57 2.19 -10.71 3.25
N SER A 58 1.39 -9.82 3.78
CA SER A 58 1.13 -8.53 3.19
C SER A 58 2.39 -7.69 2.94
N ARG A 59 2.46 -7.17 1.72
CA ARG A 59 3.52 -6.31 1.20
C ARG A 59 4.99 -6.73 1.35
N GLN A 60 5.24 -7.99 1.69
CA GLN A 60 6.61 -8.45 1.83
C GLN A 60 7.08 -9.09 0.54
N ASN A 61 6.23 -9.03 -0.48
CA ASN A 61 6.50 -9.59 -1.80
C ASN A 61 7.95 -9.64 -2.29
N GLN A 62 8.58 -8.46 -2.40
CA GLN A 62 9.93 -8.39 -2.93
C GLN A 62 11.07 -8.15 -1.96
N ASN A 63 10.87 -8.48 -0.69
CA ASN A 63 11.90 -8.28 0.31
C ASN A 63 13.19 -9.04 0.04
N LEU A 64 13.09 -10.21 -0.58
CA LEU A 64 14.27 -11.02 -0.86
C LEU A 64 14.96 -10.66 -2.18
N GLY A 65 14.30 -9.86 -3.00
CA GLY A 65 14.89 -9.48 -4.28
C GLY A 65 14.33 -10.28 -5.44
N GLY A 66 14.66 -9.85 -6.65
CA GLY A 66 14.20 -10.52 -7.85
C GLY A 66 15.33 -10.89 -8.78
N ASN A 67 15.02 -11.79 -9.72
CA ASN A 67 15.99 -12.32 -10.66
C ASN A 67 15.57 -12.09 -12.12
N ILE A 68 16.52 -11.70 -12.97
CA ILE A 68 16.26 -11.42 -14.38
C ILE A 68 17.12 -12.27 -15.31
N SER A 69 16.52 -12.80 -16.36
CA SER A 69 17.26 -13.61 -17.34
C SER A 69 16.62 -13.51 -18.71
N ASN A 70 17.27 -14.07 -19.72
CA ASN A 70 16.71 -14.02 -21.06
C ASN A 70 17.20 -15.11 -22.01
N ASN A 71 16.68 -15.04 -23.23
CA ASN A 71 17.05 -15.94 -24.31
C ASN A 71 17.32 -17.40 -24.01
N GLY A 72 16.36 -18.07 -23.38
CA GLY A 72 16.51 -19.47 -23.09
C GLY A 72 17.46 -19.87 -21.98
N CYS A 73 17.87 -18.91 -21.16
CA CYS A 73 18.74 -19.21 -20.05
C CYS A 73 17.89 -19.73 -18.89
N THR A 74 18.42 -20.63 -18.08
CA THR A 74 17.65 -21.11 -16.95
C THR A 74 18.05 -20.34 -15.71
N ALA A 75 17.05 -19.85 -15.00
CA ALA A 75 17.27 -19.07 -13.78
C ALA A 75 16.88 -19.86 -12.54
N ILE A 76 17.72 -19.80 -11.51
CA ILE A 76 17.47 -20.53 -10.28
C ILE A 76 17.61 -19.69 -9.04
N VAL A 77 16.62 -19.76 -8.15
CA VAL A 77 16.67 -19.02 -6.89
C VAL A 77 16.26 -20.00 -5.79
N GLY A 78 16.91 -19.90 -4.64
CA GLY A 78 16.62 -20.79 -3.52
C GLY A 78 16.96 -20.16 -2.20
N ASP A 79 16.83 -20.91 -1.11
CA ASP A 79 17.12 -20.38 0.23
C ASP A 79 17.31 -21.47 1.28
N LEU A 80 17.46 -21.03 2.53
CA LEU A 80 17.64 -21.91 3.69
C LEU A 80 16.98 -21.25 4.90
N ARG A 81 15.78 -21.71 5.27
CA ARG A 81 15.02 -21.11 6.37
C ARG A 81 15.69 -21.32 7.74
N ILE A 82 17.02 -21.20 7.77
CA ILE A 82 17.76 -21.36 9.00
C ILE A 82 17.15 -20.54 10.15
N ARG A 83 16.90 -21.20 11.28
CA ARG A 83 16.32 -20.59 12.47
C ARG A 83 16.74 -19.12 12.62
N GLU A 84 18.02 -18.86 12.35
CA GLU A 84 18.56 -17.52 12.44
C GLU A 84 17.71 -16.49 11.68
N THR A 85 17.33 -16.84 10.45
CA THR A 85 16.53 -15.95 9.62
C THR A 85 15.04 -16.16 9.89
N ALA A 86 14.47 -17.13 9.19
CA ALA A 86 13.05 -17.48 9.33
C ALA A 86 12.56 -17.45 10.78
N THR A 87 11.92 -16.35 11.15
CA THR A 87 11.39 -16.17 12.50
C THR A 87 9.86 -16.05 12.44
N PRO A 88 9.15 -16.63 13.43
CA PRO A 88 7.68 -16.60 13.51
C PRO A 88 7.08 -15.21 13.72
N TYR A 89 5.84 -15.04 13.28
CA TYR A 89 5.13 -13.79 13.43
C TYR A 89 3.94 -14.00 14.36
N TYR A 90 3.99 -13.41 15.55
CA TYR A 90 2.91 -13.54 16.52
C TYR A 90 1.97 -12.34 16.54
N TYR A 91 0.68 -12.63 16.65
CA TYR A 91 -0.37 -11.62 16.74
C TYR A 91 -1.29 -12.08 17.86
N PRO A 92 -0.87 -11.84 19.11
CA PRO A 92 -1.62 -12.22 20.31
C PRO A 92 -2.81 -11.34 20.65
N THR A 93 -3.68 -11.87 21.48
CA THR A 93 -4.86 -11.17 21.96
C THR A 93 -4.79 -11.22 23.48
N ALA A 94 -5.83 -10.76 24.16
CA ALA A 94 -5.81 -10.75 25.62
C ALA A 94 -5.87 -12.17 26.19
N SER A 95 -6.82 -12.96 25.70
CA SER A 95 -6.99 -14.33 26.17
C SER A 95 -5.87 -15.26 25.73
N PHE A 96 -5.21 -14.91 24.64
CA PHE A 96 -4.15 -15.76 24.08
C PHE A 96 -2.82 -15.04 23.85
N ASN A 97 -1.88 -15.24 24.76
CA ASN A 97 -0.58 -14.61 24.62
C ASN A 97 0.34 -15.49 23.79
N GLU A 98 1.52 -14.97 23.47
CA GLU A 98 2.47 -15.72 22.66
C GLU A 98 2.67 -17.16 23.11
N GLU A 99 3.03 -17.34 24.38
CA GLU A 99 3.25 -18.67 24.93
C GLU A 99 2.03 -19.58 24.74
N TYR A 100 0.86 -19.07 25.10
CA TYR A 100 -0.36 -19.85 24.97
C TYR A 100 -0.51 -20.33 23.53
N ILE A 101 -0.20 -19.45 22.58
CA ILE A 101 -0.32 -19.78 21.17
C ILE A 101 0.67 -20.87 20.75
N LYS A 102 1.94 -20.68 21.11
CA LYS A 102 2.99 -21.62 20.77
C LYS A 102 2.71 -23.02 21.33
N ASN A 103 2.72 -23.14 22.65
CA ASN A 103 2.51 -24.41 23.29
C ASN A 103 1.28 -25.13 22.76
N ASN A 104 0.20 -24.40 22.55
CA ASN A 104 -1.02 -25.02 22.05
C ASN A 104 -0.91 -25.48 20.60
N VAL A 105 -0.05 -24.82 19.83
CA VAL A 105 0.12 -25.21 18.44
C VAL A 105 1.08 -26.39 18.34
N GLN A 106 2.24 -26.27 18.99
CA GLN A 106 3.25 -27.32 18.94
C GLN A 106 2.80 -28.59 19.63
N ASN A 107 1.64 -28.52 20.28
CA ASN A 107 1.10 -29.66 20.99
C ASN A 107 0.26 -30.53 20.08
N VAL A 108 -0.43 -29.91 19.13
CA VAL A 108 -1.27 -30.65 18.20
C VAL A 108 -0.59 -30.79 16.84
N PHE A 109 0.04 -29.72 16.39
CA PHE A 109 0.69 -29.70 15.09
C PHE A 109 2.21 -29.70 15.15
N ALA A 110 2.84 -29.60 13.98
CA ALA A 110 4.29 -29.61 13.88
C ALA A 110 4.99 -28.67 14.85
N ASN A 111 5.94 -29.22 15.59
CA ASN A 111 6.71 -28.45 16.56
C ASN A 111 7.76 -27.68 15.78
N PHE A 112 7.42 -26.44 15.41
CA PHE A 112 8.32 -25.59 14.63
C PHE A 112 9.54 -25.10 15.39
N THR A 113 9.50 -25.14 16.72
CA THR A 113 10.64 -24.70 17.51
C THR A 113 11.78 -25.71 17.41
N GLU A 114 11.44 -27.00 17.40
CA GLU A 114 12.46 -28.04 17.29
C GLU A 114 12.93 -28.07 15.84
N ALA A 115 11.98 -28.23 14.93
CA ALA A 115 12.30 -28.29 13.50
C ALA A 115 13.24 -27.18 13.06
N SER A 116 13.08 -25.99 13.65
CA SER A 116 13.90 -24.83 13.29
C SER A 116 15.41 -25.00 13.46
N GLU A 117 15.82 -26.01 14.21
CA GLU A 117 17.25 -26.22 14.42
C GLU A 117 17.89 -26.95 13.23
N ILE A 118 17.06 -27.56 12.38
CA ILE A 118 17.55 -28.30 11.22
C ILE A 118 17.30 -27.58 9.90
N PRO A 119 18.37 -27.07 9.26
CA PRO A 119 18.28 -26.35 8.00
C PRO A 119 17.60 -27.14 6.88
N ILE A 120 16.69 -26.48 6.17
CA ILE A 120 15.97 -27.07 5.05
C ILE A 120 16.03 -26.10 3.88
N GLY A 121 16.30 -26.63 2.69
CA GLY A 121 16.37 -25.78 1.53
C GLY A 121 15.28 -26.02 0.50
N PHE A 122 15.09 -25.06 -0.39
CA PHE A 122 14.11 -25.16 -1.45
C PHE A 122 14.57 -24.26 -2.60
N GLU A 123 14.27 -24.66 -3.84
CA GLU A 123 14.65 -23.86 -4.99
C GLU A 123 13.56 -23.92 -6.05
N PHE A 124 13.64 -22.97 -6.97
CA PHE A 124 12.73 -22.89 -8.09
C PHE A 124 13.59 -22.57 -9.30
N SER A 125 13.22 -23.11 -10.45
CA SER A 125 13.97 -22.81 -11.65
C SER A 125 12.96 -22.62 -12.76
N LYS A 126 13.30 -21.79 -13.73
CA LYS A 126 12.43 -21.51 -14.86
C LYS A 126 13.32 -21.07 -16.01
N THR A 127 12.96 -21.46 -17.23
CA THR A 127 13.75 -21.09 -18.39
C THR A 127 13.17 -19.87 -19.08
N ALA A 128 13.99 -18.84 -19.27
CA ALA A 128 13.51 -17.65 -19.95
C ALA A 128 13.18 -18.00 -21.40
N PRO A 129 12.20 -17.30 -21.99
CA PRO A 129 11.79 -17.54 -23.38
C PRO A 129 12.89 -17.18 -24.39
N SER A 130 12.84 -17.81 -25.56
CA SER A 130 13.85 -17.63 -26.61
C SER A 130 14.35 -16.20 -26.86
N ASN A 131 13.45 -15.27 -27.14
CA ASN A 131 13.86 -13.89 -27.40
C ASN A 131 13.13 -12.91 -26.49
N LYS A 132 13.04 -13.25 -25.22
CA LYS A 132 12.35 -12.39 -24.28
C LYS A 132 13.00 -12.44 -22.90
N SER A 133 12.63 -11.51 -22.03
CA SER A 133 13.18 -11.44 -20.68
C SER A 133 12.24 -12.05 -19.67
N LEU A 134 12.81 -12.67 -18.64
CA LEU A 134 12.04 -13.28 -17.58
C LEU A 134 12.41 -12.67 -16.25
N TYR A 135 11.40 -12.44 -15.42
CA TYR A 135 11.62 -11.89 -14.09
C TYR A 135 10.88 -12.72 -13.05
N MET A 136 11.61 -13.16 -12.05
CA MET A 136 10.98 -13.93 -11.00
C MET A 136 11.51 -13.40 -9.68
N TYR A 137 10.64 -13.34 -8.69
CA TYR A 137 11.04 -12.87 -7.36
C TYR A 137 10.55 -13.90 -6.36
N LEU A 138 11.27 -14.00 -5.25
CA LEU A 138 10.94 -14.98 -4.23
C LEU A 138 10.40 -14.39 -2.92
N GLN A 139 9.55 -15.14 -2.24
CA GLN A 139 9.04 -14.69 -0.95
C GLN A 139 8.74 -15.90 -0.07
N TYR A 140 8.85 -15.73 1.24
CA TYR A 140 8.60 -16.83 2.16
C TYR A 140 7.13 -17.17 2.29
N THR A 141 6.86 -18.45 2.47
CA THR A 141 5.48 -18.90 2.67
C THR A 141 5.39 -19.27 4.14
N TYR A 142 4.17 -19.39 4.64
CA TYR A 142 4.00 -19.71 6.05
C TYR A 142 2.81 -20.63 6.27
N ILE A 143 2.72 -21.11 7.50
CA ILE A 143 1.61 -21.94 7.91
C ILE A 143 0.88 -21.00 8.85
N ARG A 144 -0.42 -20.82 8.61
CA ARG A 144 -1.21 -19.95 9.46
C ARG A 144 -1.89 -20.77 10.55
N TYR A 145 -1.61 -20.41 11.80
CA TYR A 145 -2.25 -21.08 12.93
C TYR A 145 -3.09 -20.03 13.63
N GLU A 146 -4.22 -20.44 14.17
CA GLU A 146 -5.11 -19.52 14.87
C GLU A 146 -5.57 -20.10 16.21
N ILE A 147 -5.80 -19.20 17.16
CA ILE A 147 -6.33 -19.58 18.46
C ILE A 147 -7.62 -18.75 18.51
N ILE A 148 -8.77 -19.43 18.43
CA ILE A 148 -10.05 -18.75 18.44
C ILE A 148 -10.92 -18.98 19.68
N LYS A 149 -11.64 -17.96 20.08
CA LYS A 149 -12.56 -18.01 21.21
C LYS A 149 -13.96 -18.07 20.58
N VAL A 150 -14.64 -19.20 20.71
CA VAL A 150 -15.97 -19.32 20.11
C VAL A 150 -17.08 -19.12 21.13
N LEU A 151 -18.16 -18.48 20.69
CA LEU A 151 -19.32 -18.20 21.54
C LEU A 151 -20.52 -17.99 20.62
N GLN A 152 -21.45 -18.94 20.63
CA GLN A 152 -22.65 -18.84 19.80
C GLN A 152 -22.33 -19.00 18.33
N ASN A 153 -21.49 -19.98 18.01
CA ASN A 153 -21.10 -20.24 16.63
C ASN A 153 -20.51 -19.02 15.95
N THR A 154 -19.77 -18.22 16.72
CA THR A 154 -19.11 -17.03 16.19
C THR A 154 -17.81 -16.80 16.94
N VAL A 155 -16.80 -16.35 16.22
CA VAL A 155 -15.49 -16.10 16.80
C VAL A 155 -15.53 -14.77 17.53
N THR A 156 -15.21 -14.81 18.82
CA THR A 156 -15.20 -13.63 19.66
C THR A 156 -13.80 -13.04 19.72
N GLU A 157 -12.81 -13.91 19.81
CA GLU A 157 -11.41 -13.49 19.87
C GLU A 157 -10.61 -14.36 18.90
N ARG A 158 -9.53 -13.82 18.33
CA ARG A 158 -8.70 -14.58 17.40
C ARG A 158 -7.24 -14.17 17.45
N ALA A 159 -6.39 -15.13 17.81
CA ALA A 159 -4.95 -14.88 17.85
C ALA A 159 -4.42 -15.50 16.56
N VAL A 160 -3.32 -14.97 16.04
CA VAL A 160 -2.75 -15.50 14.81
C VAL A 160 -1.26 -15.73 14.87
N LEU A 161 -0.83 -16.86 14.33
CA LEU A 161 0.59 -17.18 14.28
C LEU A 161 0.97 -17.58 12.86
N TYR A 162 2.09 -17.05 12.39
CA TYR A 162 2.60 -17.40 11.08
C TYR A 162 3.95 -18.07 11.29
N VAL A 163 4.00 -19.37 11.05
CA VAL A 163 5.25 -20.12 11.19
C VAL A 163 5.93 -20.22 9.82
N PRO A 164 7.20 -19.79 9.73
CA PRO A 164 7.95 -19.84 8.46
C PRO A 164 7.89 -21.24 7.89
N SER A 165 7.50 -21.35 6.62
CA SER A 165 7.38 -22.65 5.98
C SER A 165 8.52 -22.78 4.95
N LEU A 166 8.23 -22.52 3.68
CA LEU A 166 9.25 -22.59 2.66
C LEU A 166 9.21 -21.30 1.85
N GLY A 167 9.01 -21.41 0.54
CA GLY A 167 8.98 -20.21 -0.28
C GLY A 167 8.15 -20.37 -1.53
N TYR A 168 7.93 -19.25 -2.21
CA TYR A 168 7.13 -19.24 -3.42
C TYR A 168 7.71 -18.21 -4.39
N VAL A 169 7.67 -18.50 -5.70
CA VAL A 169 8.18 -17.55 -6.69
C VAL A 169 7.14 -17.19 -7.74
N LYS A 170 7.19 -15.94 -8.18
CA LYS A 170 6.28 -15.47 -9.21
C LYS A 170 7.13 -15.05 -10.38
N SER A 171 6.68 -15.38 -11.60
CA SER A 171 7.43 -15.03 -12.79
C SER A 171 6.57 -14.15 -13.67
N ILE A 172 7.20 -13.52 -14.64
CA ILE A 172 6.52 -12.68 -15.58
C ILE A 172 7.52 -12.44 -16.70
N GLU A 173 7.05 -12.48 -17.94
CA GLU A 173 7.94 -12.22 -19.06
C GLU A 173 7.83 -10.73 -19.29
N PHE A 174 8.85 -10.09 -19.87
CA PHE A 174 8.74 -8.65 -20.05
C PHE A 174 9.77 -8.05 -20.98
N ASN A 175 9.63 -6.75 -21.18
CA ASN A 175 10.52 -5.92 -21.99
C ASN A 175 10.31 -4.50 -21.45
N SER A 176 11.27 -3.62 -21.71
CA SER A 176 11.19 -2.24 -21.22
C SER A 176 9.95 -1.48 -21.67
N GLU A 177 9.14 -2.10 -22.52
CA GLU A 177 7.93 -1.47 -23.03
C GLU A 177 6.67 -1.84 -22.27
N GLU A 178 6.62 -3.05 -21.73
CA GLU A 178 5.43 -3.53 -21.02
C GLU A 178 5.13 -2.86 -19.69
N GLN A 179 3.84 -2.64 -19.47
CA GLN A 179 3.35 -2.06 -18.23
C GLN A 179 2.91 -3.33 -17.49
N ILE A 180 3.13 -3.37 -16.18
CA ILE A 180 2.78 -4.56 -15.43
C ILE A 180 1.69 -4.27 -14.42
N ASP A 181 0.79 -5.22 -14.23
CA ASP A 181 -0.27 -5.07 -13.25
C ASP A 181 0.46 -5.00 -11.93
N LYS A 182 0.26 -3.93 -11.16
CA LYS A 182 0.96 -3.80 -9.90
C LYS A 182 0.58 -4.82 -8.83
N ASN A 183 -0.44 -5.62 -9.07
CA ASN A 183 -0.82 -6.63 -8.08
C ASN A 183 0.15 -7.80 -8.18
N PHE A 184 0.89 -7.83 -9.29
CA PHE A 184 1.88 -8.87 -9.49
C PHE A 184 3.01 -8.67 -8.47
N TYR A 185 3.34 -7.42 -8.20
CA TYR A 185 4.42 -7.06 -7.27
C TYR A 185 3.99 -6.87 -5.82
N PHE A 186 2.71 -6.59 -5.61
CA PHE A 186 2.25 -6.27 -4.25
C PHE A 186 1.01 -7.03 -3.79
N THR A 187 1.09 -7.54 -2.57
CA THR A 187 -0.02 -8.25 -1.96
C THR A 187 -0.39 -7.38 -0.77
N SER A 188 -1.59 -6.84 -0.75
CA SER A 188 -1.98 -5.96 0.36
C SER A 188 -2.59 -6.68 1.56
N GLN A 189 -3.20 -7.84 1.33
CA GLN A 189 -3.78 -8.57 2.44
C GLN A 189 -3.26 -10.00 2.50
N ASP A 190 -2.86 -10.45 3.69
CA ASP A 190 -2.37 -11.81 3.84
C ASP A 190 -3.31 -12.77 3.12
N LYS A 191 -2.74 -13.76 2.45
CA LYS A 191 -3.54 -14.74 1.74
C LYS A 191 -2.78 -16.03 1.58
N CYS A 192 -3.48 -17.07 1.14
CA CYS A 192 -2.91 -18.38 0.94
C CYS A 192 -2.83 -18.71 -0.55
N ILE A 193 -1.66 -19.14 -1.02
CA ILE A 193 -1.47 -19.47 -2.43
C ILE A 193 -2.02 -20.86 -2.74
N LEU A 194 -2.36 -21.58 -1.67
CA LEU A 194 -2.94 -22.91 -1.80
C LEU A 194 -4.38 -22.76 -1.31
N ASN A 195 -5.05 -23.87 -1.05
CA ASN A 195 -6.40 -23.80 -0.55
C ASN A 195 -6.31 -23.61 0.96
N GLU A 196 -7.11 -22.69 1.49
CA GLU A 196 -7.09 -22.44 2.93
C GLU A 196 -7.65 -23.66 3.64
N LYS A 197 -7.30 -23.80 4.91
CA LYS A 197 -7.78 -24.93 5.68
C LYS A 197 -8.39 -24.50 7.00
N PHE A 198 -9.02 -25.45 7.67
CA PHE A 198 -9.64 -25.22 8.97
C PHE A 198 -9.63 -26.55 9.70
N ILE A 199 -8.48 -26.91 10.26
CA ILE A 199 -8.33 -28.15 11.00
C ILE A 199 -8.18 -27.73 12.44
N TYR A 200 -9.19 -28.06 13.25
CA TYR A 200 -9.23 -27.65 14.64
C TYR A 200 -9.14 -28.75 15.68
N LYS A 201 -9.01 -28.30 16.93
CA LYS A 201 -8.97 -29.17 18.09
C LYS A 201 -9.26 -28.29 19.28
N LYS A 202 -10.35 -28.58 19.97
CA LYS A 202 -10.77 -27.83 21.14
C LYS A 202 -9.69 -27.89 22.22
N ILE A 203 -9.33 -26.73 22.76
CA ILE A 203 -8.31 -26.66 23.80
C ILE A 203 -8.97 -26.93 25.15
N ASP A 204 -8.23 -27.57 26.05
CA ASP A 204 -8.78 -27.88 27.37
C ASP A 204 -8.09 -27.10 28.49
N ASP A 205 -8.51 -27.37 29.72
CA ASP A 205 -7.98 -26.69 30.89
C ASP A 205 -8.43 -25.23 30.88
N GLN B 1 8.45 12.80 -12.87
CA GLN B 1 8.05 14.23 -13.01
C GLN B 1 6.54 14.39 -13.12
N THR B 2 5.79 13.33 -12.83
CA THR B 2 4.33 13.40 -12.89
C THR B 2 3.73 13.85 -11.55
N ILE B 3 2.42 14.08 -11.55
CA ILE B 3 1.73 14.52 -10.35
C ILE B 3 1.55 13.39 -9.36
N LEU B 4 1.71 13.70 -8.08
CA LEU B 4 1.56 12.73 -7.02
C LEU B 4 0.33 13.14 -6.20
N PRO B 5 -0.81 12.48 -6.48
CA PRO B 5 -2.09 12.73 -5.81
C PRO B 5 -2.16 12.19 -4.39
N TYR B 6 -1.24 12.65 -3.56
CA TYR B 6 -1.19 12.18 -2.18
C TYR B 6 -1.03 13.35 -1.20
N PRO B 7 -1.46 13.16 0.06
CA PRO B 7 -1.35 14.21 1.07
C PRO B 7 0.08 14.35 1.56
N ASN B 8 0.37 15.42 2.30
CA ASN B 8 1.72 15.64 2.82
C ASN B 8 2.11 14.47 3.71
N GLY B 9 3.41 14.17 3.71
CA GLY B 9 3.90 13.07 4.53
C GLY B 9 5.04 12.31 3.89
N LEU B 10 5.33 11.14 4.46
CA LEU B 10 6.40 10.28 3.99
C LEU B 10 5.90 9.11 3.14
N TYR B 11 6.64 8.82 2.09
CA TYR B 11 6.29 7.74 1.19
C TYR B 11 7.53 6.95 0.79
N VAL B 12 7.37 5.65 0.68
CA VAL B 12 8.46 4.79 0.24
C VAL B 12 7.99 4.26 -1.11
N ILE B 13 8.76 4.53 -2.16
CA ILE B 13 8.37 4.07 -3.49
C ILE B 13 9.28 2.99 -4.01
N ASN B 14 8.71 1.82 -4.31
CA ASN B 14 9.52 0.75 -4.89
C ASN B 14 9.58 1.09 -6.38
N LYS B 15 10.74 1.53 -6.83
CA LYS B 15 10.90 1.92 -8.22
C LYS B 15 11.36 0.80 -9.15
N GLY B 16 11.28 -0.43 -8.68
CA GLY B 16 11.67 -1.55 -9.52
C GLY B 16 12.93 -2.33 -9.20
N ASP B 17 13.05 -3.48 -9.84
CA ASP B 17 14.19 -4.36 -9.67
C ASP B 17 15.09 -4.25 -10.89
N GLY B 18 16.24 -4.92 -10.85
CA GLY B 18 17.14 -4.90 -11.97
C GLY B 18 18.02 -3.67 -12.11
N TYR B 19 18.08 -2.85 -11.07
CA TYR B 19 18.92 -1.67 -11.15
C TYR B 19 20.38 -2.07 -10.97
N MET B 20 21.25 -1.48 -11.77
CA MET B 20 22.68 -1.75 -11.66
C MET B 20 23.44 -0.52 -12.14
N ARG B 21 24.72 -0.43 -11.75
CA ARG B 21 25.52 0.72 -12.13
C ARG B 21 26.08 0.59 -13.55
N THR B 22 26.49 1.73 -14.09
CA THR B 22 27.06 1.78 -15.43
C THR B 22 28.49 1.28 -15.43
N ASN B 23 29.06 1.14 -16.62
CA ASN B 23 30.44 0.71 -16.80
C ASN B 23 30.77 -0.66 -16.18
N ASP B 24 29.79 -1.55 -16.14
CA ASP B 24 29.97 -2.88 -15.59
C ASP B 24 30.43 -2.86 -14.14
N LYS B 25 30.11 -1.81 -13.40
CA LYS B 25 30.54 -1.76 -12.01
C LYS B 25 29.89 -2.85 -11.17
N ASP B 26 28.91 -3.55 -11.74
CA ASP B 26 28.25 -4.63 -11.04
C ASP B 26 28.37 -5.95 -11.78
N LEU B 27 29.28 -6.00 -12.75
CA LEU B 27 29.51 -7.21 -13.52
C LEU B 27 30.20 -8.25 -12.62
N ILE B 28 29.61 -9.43 -12.50
CA ILE B 28 30.18 -10.51 -11.69
C ILE B 28 31.19 -11.24 -12.56
N GLY B 29 30.84 -11.46 -13.82
CA GLY B 29 31.73 -12.15 -14.73
C GLY B 29 31.05 -12.58 -16.01
N THR B 30 31.85 -13.07 -16.95
CA THR B 30 31.37 -13.53 -18.24
C THR B 30 31.93 -14.92 -18.50
N LEU B 31 31.09 -15.82 -18.99
CA LEU B 31 31.57 -17.17 -19.32
C LEU B 31 31.47 -17.35 -20.82
N LEU B 32 32.47 -17.96 -21.42
CA LEU B 32 32.42 -18.25 -22.83
C LEU B 32 32.00 -19.71 -22.84
N ILE B 33 30.78 -19.98 -23.28
CA ILE B 33 30.28 -21.34 -23.32
C ILE B 33 30.34 -21.89 -24.75
N GLU B 34 31.28 -22.80 -24.96
CA GLU B 34 31.47 -23.42 -26.27
C GLU B 34 30.28 -24.31 -26.62
N SER B 35 30.07 -24.55 -27.91
CA SER B 35 28.96 -25.37 -28.37
C SER B 35 28.96 -26.77 -27.73
N SER B 36 27.75 -27.23 -27.39
CA SER B 36 27.53 -28.53 -26.76
C SER B 36 28.12 -28.58 -25.36
N THR B 37 28.18 -27.44 -24.70
CA THR B 37 28.72 -27.34 -23.36
C THR B 37 27.74 -26.49 -22.56
N SER B 38 27.72 -26.65 -21.25
CA SER B 38 26.83 -25.84 -20.42
C SER B 38 27.67 -25.02 -19.46
N GLY B 39 27.23 -23.79 -19.23
CA GLY B 39 27.94 -22.90 -18.33
C GLY B 39 27.02 -22.45 -17.22
N SER B 40 27.60 -22.12 -16.08
CA SER B 40 26.81 -21.68 -14.95
C SER B 40 27.57 -20.72 -14.03
N ILE B 41 26.87 -19.68 -13.57
CA ILE B 41 27.44 -18.72 -12.63
C ILE B 41 26.56 -18.76 -11.40
N ILE B 42 27.19 -18.84 -10.23
CA ILE B 42 26.44 -18.98 -8.97
C ILE B 42 26.77 -18.03 -7.83
N GLN B 43 25.72 -17.60 -7.14
CA GLN B 43 25.85 -16.79 -5.95
C GLN B 43 25.33 -17.77 -4.88
N PRO B 44 26.24 -18.57 -4.31
CA PRO B 44 25.95 -19.59 -3.29
C PRO B 44 25.78 -19.13 -1.86
N ARG B 45 26.00 -17.85 -1.60
CA ARG B 45 25.90 -17.31 -0.25
C ARG B 45 26.78 -18.10 0.71
N LEU B 46 28.04 -18.28 0.34
CA LEU B 46 28.98 -18.98 1.21
C LEU B 46 29.31 -17.94 2.29
N ARG B 47 28.96 -16.70 1.96
CA ARG B 47 29.09 -15.56 2.84
C ARG B 47 27.74 -14.87 2.65
N ASN B 48 27.10 -14.47 3.75
CA ASN B 48 25.78 -13.84 3.65
C ASN B 48 25.82 -12.32 3.42
N THR B 49 27.02 -11.74 3.40
CA THR B 49 27.18 -10.31 3.20
C THR B 49 26.73 -9.80 1.84
N THR B 50 26.06 -8.64 1.85
CA THR B 50 25.62 -7.99 0.62
C THR B 50 25.98 -6.52 0.82
N ARG B 51 26.08 -5.77 -0.26
CA ARG B 51 26.44 -4.36 -0.15
C ARG B 51 25.40 -3.44 -0.74
N PRO B 52 24.54 -2.87 0.12
CA PRO B 52 23.48 -1.95 -0.30
C PRO B 52 24.10 -0.63 -0.77
N LEU B 53 23.39 0.10 -1.61
CA LEU B 53 23.87 1.39 -2.08
C LEU B 53 22.90 2.44 -1.56
N PHE B 54 23.44 3.54 -1.04
CA PHE B 54 22.59 4.57 -0.47
C PHE B 54 22.91 5.96 -0.97
N ASN B 55 21.88 6.78 -1.08
CA ASN B 55 22.02 8.13 -1.59
C ASN B 55 20.94 9.01 -0.98
N THR B 56 21.33 10.08 -0.30
CA THR B 56 20.35 10.97 0.33
C THR B 56 20.60 12.44 0.07
N SER B 57 19.54 13.24 0.17
CA SER B 57 19.64 14.68 -0.05
C SER B 57 19.72 15.41 1.29
N ASN B 58 19.58 14.67 2.36
CA ASN B 58 19.64 15.21 3.71
C ASN B 58 20.18 14.14 4.65
N PRO B 59 21.52 14.05 4.76
CA PRO B 59 22.20 13.07 5.62
C PRO B 59 21.85 13.15 7.09
N THR B 60 21.49 14.35 7.56
CA THR B 60 21.16 14.56 8.96
C THR B 60 19.90 13.81 9.38
N ILE B 61 18.81 14.08 8.67
CA ILE B 61 17.54 13.44 8.97
C ILE B 61 17.39 12.12 8.17
N PHE B 62 17.39 12.22 6.84
CA PHE B 62 17.28 11.05 6.00
C PHE B 62 18.62 10.31 5.93
N SER B 63 19.05 9.78 7.07
CA SER B 63 20.28 9.04 7.15
C SER B 63 19.95 7.64 6.64
N GLN B 64 20.97 6.83 6.40
CA GLN B 64 20.71 5.49 5.90
C GLN B 64 19.91 4.67 6.90
N GLU B 65 20.24 4.78 8.18
CA GLU B 65 19.53 4.03 9.21
C GLU B 65 18.07 4.46 9.25
N TYR B 66 17.84 5.75 9.05
CA TYR B 66 16.47 6.29 9.07
C TYR B 66 15.71 5.75 7.86
N THR B 67 16.34 5.84 6.70
CA THR B 67 15.71 5.35 5.48
C THR B 67 15.39 3.86 5.63
N GLU B 68 16.33 3.10 6.17
CA GLU B 68 16.10 1.68 6.37
C GLU B 68 14.89 1.48 7.27
N ALA B 69 14.76 2.32 8.29
CA ALA B 69 13.62 2.23 9.21
C ALA B 69 12.31 2.46 8.44
N ARG B 70 12.33 3.42 7.50
CA ARG B 70 11.14 3.72 6.72
C ARG B 70 10.82 2.51 5.83
N LEU B 71 11.83 1.98 5.15
CA LEU B 71 11.64 0.81 4.31
C LEU B 71 11.03 -0.32 5.12
N ASN B 72 11.40 -0.40 6.40
CA ASN B 72 10.86 -1.44 7.24
C ASN B 72 9.38 -1.17 7.51
N ASP B 73 9.04 0.10 7.69
CA ASP B 73 7.64 0.45 7.95
C ASP B 73 6.79 0.20 6.72
N ALA B 74 7.35 0.53 5.56
CA ALA B 74 6.63 0.34 4.31
C ALA B 74 6.47 -1.13 3.90
N PHE B 75 7.57 -1.80 3.61
CA PHE B 75 7.49 -3.19 3.15
C PHE B 75 7.88 -4.26 4.15
N ASN B 76 8.27 -3.84 5.34
CA ASN B 76 8.66 -4.79 6.37
C ASN B 76 9.94 -5.56 6.05
N ILE B 77 10.83 -4.95 5.28
CA ILE B 77 12.09 -5.59 4.93
C ILE B 77 12.88 -5.81 6.23
N GLN B 78 13.37 -7.03 6.43
CA GLN B 78 14.12 -7.37 7.63
C GLN B 78 15.63 -7.20 7.45
N LEU B 79 16.16 -7.88 6.43
CA LEU B 79 17.58 -7.86 6.14
C LEU B 79 17.95 -6.86 5.06
N PHE B 80 18.84 -5.95 5.42
CA PHE B 80 19.30 -4.93 4.48
C PHE B 80 20.67 -5.21 3.88
N ASN B 81 21.57 -5.79 4.68
CA ASN B 81 22.91 -6.08 4.16
C ASN B 81 23.38 -7.51 4.33
N THR B 82 22.45 -8.45 4.31
CA THR B 82 22.75 -9.87 4.39
C THR B 82 21.66 -10.60 3.61
N SER B 83 21.98 -11.80 3.15
CA SER B 83 21.04 -12.60 2.39
C SER B 83 21.43 -14.07 2.47
N THR B 84 20.44 -14.93 2.47
CA THR B 84 20.70 -16.36 2.51
C THR B 84 20.05 -16.89 1.24
N THR B 85 19.54 -15.97 0.44
CA THR B 85 18.87 -16.31 -0.81
C THR B 85 19.85 -16.48 -1.94
N LEU B 86 19.84 -17.68 -2.52
CA LEU B 86 20.73 -18.01 -3.61
C LEU B 86 20.12 -17.76 -4.97
N PHE B 87 20.99 -17.47 -5.94
CA PHE B 87 20.55 -17.30 -7.31
C PHE B 87 21.65 -17.88 -8.21
N LYS B 88 21.23 -18.57 -9.25
CA LYS B 88 22.18 -19.22 -10.14
C LYS B 88 21.61 -19.21 -11.54
N PHE B 89 22.49 -19.15 -12.54
CA PHE B 89 22.06 -19.15 -13.93
C PHE B 89 22.72 -20.33 -14.66
N VAL B 90 21.97 -20.98 -15.54
CA VAL B 90 22.50 -22.11 -16.29
C VAL B 90 22.11 -21.97 -17.74
N GLU B 91 23.06 -22.18 -18.64
CA GLU B 91 22.80 -22.05 -20.07
C GLU B 91 23.58 -23.06 -20.89
N GLU B 92 22.90 -23.79 -21.76
CA GLU B 92 23.59 -24.74 -22.61
C GLU B 92 23.78 -24.13 -24.01
N ALA B 93 24.97 -24.24 -24.57
CA ALA B 93 25.21 -23.70 -25.90
C ALA B 93 24.72 -24.70 -26.95
N PRO B 94 24.20 -24.21 -28.09
CA PRO B 94 23.72 -25.09 -29.15
C PRO B 94 24.91 -25.84 -29.76
N THR B 95 24.63 -26.74 -30.70
CA THR B 95 25.70 -27.51 -31.34
C THR B 95 26.44 -26.70 -32.39
N ASN B 96 25.76 -25.69 -32.92
CA ASN B 96 26.29 -24.84 -33.98
C ASN B 96 27.08 -23.60 -33.59
N LYS B 97 26.85 -23.08 -32.39
CA LYS B 97 27.57 -21.86 -31.98
C LYS B 97 28.00 -21.77 -30.52
N ASN B 98 28.69 -20.68 -30.22
CA ASN B 98 29.19 -20.39 -28.89
C ASN B 98 28.34 -19.32 -28.22
N ILE B 99 28.10 -19.48 -26.93
CA ILE B 99 27.28 -18.51 -26.21
C ILE B 99 28.09 -17.73 -25.20
N SER B 100 27.71 -16.47 -25.02
CA SER B 100 28.34 -15.58 -24.06
C SER B 100 27.36 -15.38 -22.91
N MET B 101 27.80 -15.66 -21.68
CA MET B 101 26.94 -15.50 -20.51
C MET B 101 27.47 -14.45 -19.55
N LYS B 102 26.77 -13.33 -19.45
CA LYS B 102 27.17 -12.26 -18.54
C LYS B 102 26.22 -12.20 -17.36
N VAL B 103 26.77 -12.09 -16.15
CA VAL B 103 25.95 -12.00 -14.96
C VAL B 103 26.34 -10.76 -14.14
N TYR B 104 25.32 -10.01 -13.71
CA TYR B 104 25.54 -8.80 -12.94
C TYR B 104 24.79 -8.86 -11.62
N ASN B 105 25.28 -8.13 -10.62
CA ASN B 105 24.57 -8.04 -9.35
C ASN B 105 23.51 -6.96 -9.65
N THR B 106 22.41 -6.96 -8.92
CA THR B 106 21.38 -5.97 -9.15
C THR B 106 20.83 -5.44 -7.83
N TYR B 107 19.95 -4.46 -7.93
CA TYR B 107 19.33 -3.85 -6.75
C TYR B 107 17.88 -3.46 -7.04
N GLU B 108 17.09 -3.41 -5.99
CA GLU B 108 15.70 -2.96 -6.07
C GLU B 108 15.85 -1.52 -5.59
N LYS B 109 15.28 -0.57 -6.33
CA LYS B 109 15.39 0.83 -5.95
C LYS B 109 14.22 1.34 -5.13
N TYR B 110 14.48 1.64 -3.86
CA TYR B 110 13.44 2.14 -2.97
C TYR B 110 13.67 3.62 -2.78
N GLU B 111 12.66 4.43 -3.05
CA GLU B 111 12.78 5.87 -2.92
C GLU B 111 12.01 6.39 -1.72
N LEU B 112 12.70 7.10 -0.85
CA LEU B 112 12.07 7.69 0.34
C LEU B 112 11.93 9.18 0.11
N ILE B 113 10.69 9.69 0.16
CA ILE B 113 10.47 11.11 -0.04
C ILE B 113 9.59 11.77 1.02
N ASN B 114 9.91 13.03 1.30
CA ASN B 114 9.14 13.83 2.24
C ASN B 114 8.33 14.71 1.30
N TYR B 115 7.07 14.36 1.11
CA TYR B 115 6.18 15.07 0.18
C TYR B 115 5.37 16.18 0.86
N GLN B 116 5.64 17.42 0.47
CA GLN B 116 4.95 18.56 1.06
C GLN B 116 4.29 19.48 0.02
N ASN B 117 2.96 19.52 0.06
CA ASN B 117 2.14 20.35 -0.83
C ASN B 117 2.52 20.23 -2.29
N GLY B 118 2.44 19.00 -2.81
CA GLY B 118 2.77 18.78 -4.21
C GLY B 118 4.25 18.92 -4.50
N ASN B 119 5.08 18.87 -3.46
CA ASN B 119 6.51 19.02 -3.64
C ASN B 119 7.36 18.06 -2.80
N ILE B 120 8.49 17.65 -3.35
CA ILE B 120 9.40 16.75 -2.64
C ILE B 120 10.51 17.61 -2.04
N ASP B 121 10.50 17.77 -0.72
CA ASP B 121 11.51 18.59 -0.04
C ASP B 121 12.72 17.81 0.42
N ASP B 122 12.55 16.51 0.59
CA ASP B 122 13.66 15.65 1.02
C ASP B 122 13.55 14.34 0.25
N LYS B 123 14.69 13.71 -0.02
CA LYS B 123 14.66 12.48 -0.77
C LYS B 123 15.90 11.62 -0.60
N ALA B 124 15.69 10.32 -0.50
CA ALA B 124 16.79 9.37 -0.37
C ALA B 124 16.50 8.15 -1.25
N GLU B 125 17.56 7.55 -1.79
CA GLU B 125 17.41 6.38 -2.64
C GLU B 125 18.18 5.25 -2.00
N TYR B 126 17.47 4.16 -1.72
CA TYR B 126 18.11 3.01 -1.11
C TYR B 126 18.09 1.86 -2.09
N TYR B 127 19.27 1.39 -2.47
CA TYR B 127 19.37 0.29 -3.41
C TYR B 127 19.56 -1.02 -2.68
N LEU B 128 18.47 -1.76 -2.53
CA LEU B 128 18.49 -3.04 -1.84
C LEU B 128 19.11 -4.10 -2.74
N PRO B 129 20.15 -4.79 -2.26
CA PRO B 129 20.81 -5.84 -3.06
C PRO B 129 19.81 -6.88 -3.54
N SER B 130 19.79 -7.15 -4.84
CA SER B 130 18.84 -8.10 -5.41
C SER B 130 19.43 -9.44 -5.87
N LEU B 131 18.67 -10.17 -6.69
CA LEU B 131 19.11 -11.48 -7.13
C LEU B 131 19.69 -11.62 -8.53
N GLY B 132 20.35 -10.56 -8.99
CA GLY B 132 21.03 -10.60 -10.28
C GLY B 132 20.31 -10.54 -11.60
N LYS B 133 21.11 -10.43 -12.64
CA LYS B 133 20.63 -10.36 -14.01
C LYS B 133 21.61 -11.16 -14.86
N CYS B 134 21.08 -11.92 -15.81
CA CYS B 134 21.95 -12.69 -16.68
C CYS B 134 21.62 -12.44 -18.14
N GLU B 135 22.65 -12.08 -18.91
CA GLU B 135 22.51 -11.82 -20.35
C GLU B 135 23.23 -12.89 -21.15
N VAL B 136 22.51 -13.60 -22.02
CA VAL B 136 23.17 -14.61 -22.85
C VAL B 136 23.01 -14.14 -24.29
N SER B 137 24.00 -14.40 -25.11
CA SER B 137 23.94 -13.99 -26.51
C SER B 137 24.98 -14.77 -27.26
N ASP B 138 25.00 -14.62 -28.59
CA ASP B 138 26.00 -15.33 -29.38
C ASP B 138 27.36 -14.78 -29.00
N ALA B 139 28.29 -15.66 -28.71
CA ALA B 139 29.63 -15.25 -28.34
C ALA B 139 30.18 -14.33 -29.40
N PRO B 140 30.77 -13.20 -29.00
CA PRO B 140 31.35 -12.25 -29.97
C PRO B 140 32.60 -12.88 -30.56
N SER B 141 33.06 -12.36 -31.69
CA SER B 141 34.25 -12.90 -32.34
C SER B 141 35.50 -12.42 -31.65
N PRO B 142 36.44 -13.33 -31.37
CA PRO B 142 37.69 -12.92 -30.71
C PRO B 142 38.43 -11.93 -31.60
N GLN B 143 38.08 -11.94 -32.89
CA GLN B 143 38.71 -11.05 -33.87
C GLN B 143 37.94 -9.75 -34.11
N ALA B 144 36.74 -9.66 -33.55
CA ALA B 144 35.95 -8.45 -33.71
C ALA B 144 36.85 -7.24 -33.48
N PRO B 145 36.87 -6.29 -34.42
CA PRO B 145 37.71 -5.09 -34.29
C PRO B 145 37.37 -4.28 -33.04
N VAL B 146 38.42 -3.93 -32.29
CA VAL B 146 38.26 -3.15 -31.08
C VAL B 146 37.94 -1.70 -31.40
N VAL B 147 36.91 -1.16 -30.74
CA VAL B 147 36.47 0.21 -30.95
C VAL B 147 36.71 1.09 -29.73
N GLU B 148 37.53 2.12 -29.86
CA GLU B 148 37.76 3.00 -28.72
C GLU B 148 36.42 3.56 -28.31
N THR B 149 36.03 3.32 -27.06
CA THR B 149 34.75 3.80 -26.58
C THR B 149 34.93 4.47 -25.23
N PRO B 150 34.43 5.71 -25.10
CA PRO B 150 34.56 6.42 -23.82
C PRO B 150 33.59 5.85 -22.79
N VAL B 151 34.05 5.81 -21.54
CA VAL B 151 33.27 5.30 -20.45
C VAL B 151 31.96 6.09 -20.34
N ASP B 152 30.88 5.43 -19.93
CA ASP B 152 29.61 6.12 -19.77
C ASP B 152 29.65 6.98 -18.52
N GLN B 153 28.54 7.67 -18.27
CA GLN B 153 28.45 8.52 -17.10
C GLN B 153 28.17 7.66 -15.88
N ASP B 154 28.73 8.05 -14.74
CA ASP B 154 28.52 7.33 -13.49
C ASP B 154 27.02 7.32 -13.19
N GLY B 155 26.48 6.17 -12.81
CA GLY B 155 25.07 6.11 -12.51
C GLY B 155 24.42 4.75 -12.57
N PHE B 156 23.09 4.74 -12.57
CA PHE B 156 22.29 3.51 -12.60
C PHE B 156 21.41 3.41 -13.84
N ILE B 157 21.14 2.17 -14.28
CA ILE B 157 20.23 1.96 -15.39
C ILE B 157 19.27 0.90 -14.88
N GLN B 158 18.02 0.96 -15.34
CA GLN B 158 17.02 0.00 -14.91
C GLN B 158 16.94 -1.16 -15.89
N THR B 159 17.04 -2.36 -15.36
CA THR B 159 17.05 -3.58 -16.15
C THR B 159 15.80 -4.44 -15.99
N GLY B 160 15.14 -4.33 -14.84
CA GLY B 160 13.95 -5.12 -14.59
C GLY B 160 12.69 -4.57 -15.22
N PRO B 161 11.54 -5.21 -14.97
CA PRO B 161 10.26 -4.74 -15.52
C PRO B 161 9.82 -3.45 -14.85
N ASN B 162 9.05 -2.65 -15.57
CA ASN B 162 8.56 -1.38 -15.04
C ASN B 162 7.75 -1.58 -13.78
N GLU B 163 8.07 -0.81 -12.76
CA GLU B 163 7.40 -0.90 -11.47
C GLU B 163 7.52 0.43 -10.72
N ASN B 164 6.43 0.80 -10.07
CA ASN B 164 6.38 2.04 -9.30
C ASN B 164 5.30 1.86 -8.25
N ILE B 165 5.63 1.25 -7.14
CA ILE B 165 4.65 1.02 -6.09
C ILE B 165 4.85 1.93 -4.89
N ILE B 166 3.89 2.83 -4.73
CA ILE B 166 3.89 3.84 -3.66
C ILE B 166 3.28 3.31 -2.38
N VAL B 167 3.98 3.50 -1.27
CA VAL B 167 3.48 3.08 0.02
C VAL B 167 3.76 4.20 1.00
N GLY B 168 2.71 4.67 1.67
CA GLY B 168 2.89 5.74 2.64
C GLY B 168 3.15 5.15 4.01
N VAL B 169 3.93 5.84 4.83
CA VAL B 169 4.23 5.36 6.17
C VAL B 169 3.81 6.40 7.18
N ILE B 170 3.46 5.97 8.39
CA ILE B 170 3.07 6.90 9.44
C ILE B 170 4.26 7.82 9.64
N ASN B 171 4.01 9.13 9.74
CA ASN B 171 5.11 10.05 9.97
C ASN B 171 5.58 9.71 11.38
N PRO B 172 6.84 9.23 11.50
CA PRO B 172 7.39 8.86 12.81
C PRO B 172 7.52 9.98 13.85
N SER B 173 7.42 11.23 13.40
CA SER B 173 7.54 12.36 14.32
C SER B 173 6.17 12.85 14.82
N GLU B 174 5.10 12.22 14.34
CA GLU B 174 3.75 12.58 14.77
C GLU B 174 3.22 11.40 15.57
N ASN B 175 2.80 11.66 16.80
CA ASN B 175 2.33 10.60 17.68
C ASN B 175 1.06 9.89 17.25
N ILE B 176 0.88 8.69 17.79
CA ILE B 176 -0.29 7.89 17.48
C ILE B 176 -1.21 7.74 18.68
N GLU B 177 -2.46 8.09 18.50
CA GLU B 177 -3.48 7.97 19.54
C GLU B 177 -4.28 6.74 19.18
N GLU B 178 -4.99 6.16 20.14
CA GLU B 178 -5.75 4.96 19.85
C GLU B 178 -7.11 4.89 20.54
N ILE B 179 -8.15 4.63 19.77
CA ILE B 179 -9.48 4.47 20.34
C ILE B 179 -9.60 2.96 20.52
N SER B 180 -9.30 2.53 21.75
CA SER B 180 -9.33 1.12 22.14
C SER B 180 -10.58 0.32 21.75
N THR B 181 -11.76 0.87 22.00
CA THR B 181 -12.99 0.17 21.69
C THR B 181 -13.53 0.42 20.30
N PRO B 182 -13.97 -0.64 19.61
CA PRO B 182 -14.52 -0.50 18.25
C PRO B 182 -15.63 0.54 18.33
N ILE B 183 -15.54 1.60 17.52
CA ILE B 183 -16.56 2.63 17.56
C ILE B 183 -17.94 2.17 17.11
N PRO B 184 -18.99 2.50 17.88
CA PRO B 184 -20.36 2.11 17.53
C PRO B 184 -20.87 3.03 16.42
N ASP B 185 -22.20 3.11 16.26
CA ASP B 185 -22.78 3.94 15.22
C ASP B 185 -22.48 5.43 15.39
N ASP B 186 -22.31 5.87 16.63
CA ASP B 186 -22.01 7.27 16.92
C ASP B 186 -20.85 7.31 17.91
N TYR B 187 -19.95 8.26 17.75
CA TYR B 187 -18.83 8.35 18.66
C TYR B 187 -18.12 9.70 18.57
N THR B 188 -17.73 10.22 19.72
CA THR B 188 -17.02 11.50 19.78
C THR B 188 -15.71 11.32 20.51
N TYR B 189 -14.63 11.75 19.87
CA TYR B 189 -13.30 11.64 20.44
C TYR B 189 -12.77 13.02 20.80
N ASN B 190 -12.30 13.19 22.02
CA ASN B 190 -11.76 14.48 22.43
C ASN B 190 -10.28 14.49 22.11
N ILE B 191 -9.89 15.42 21.24
CA ILE B 191 -8.51 15.54 20.82
C ILE B 191 -7.62 16.06 21.94
N PRO B 192 -6.70 15.22 22.42
CA PRO B 192 -5.76 15.57 23.49
C PRO B 192 -5.05 16.90 23.25
N THR B 193 -4.56 17.51 24.31
CA THR B 193 -3.88 18.80 24.20
C THR B 193 -2.58 18.72 23.42
N SER B 194 -2.06 17.51 23.26
CA SER B 194 -0.82 17.31 22.50
C SER B 194 -0.94 17.85 21.08
N ILE B 195 -2.19 17.90 20.59
CA ILE B 195 -2.46 18.36 19.24
C ILE B 195 -2.00 19.80 19.03
N GLN B 196 -1.78 20.53 20.11
CA GLN B 196 -1.32 21.90 20.01
C GLN B 196 0.13 21.95 19.54
N ASN B 197 0.87 20.89 19.83
CA ASN B 197 2.30 20.83 19.49
C ASN B 197 2.69 20.15 18.19
N ASN B 198 1.79 19.35 17.63
CA ASN B 198 2.04 18.66 16.37
C ASN B 198 0.89 17.75 16.01
N ALA B 199 0.77 17.43 14.72
CA ALA B 199 -0.29 16.55 14.22
C ALA B 199 -0.18 15.18 14.86
N CYS B 200 -1.28 14.43 14.85
CA CYS B 200 -1.27 13.10 15.43
C CYS B 200 -2.16 12.21 14.56
N TYR B 201 -2.11 10.91 14.81
CA TYR B 201 -2.94 9.96 14.08
C TYR B 201 -3.83 9.30 15.10
N VAL B 202 -5.04 8.95 14.72
CA VAL B 202 -5.92 8.28 15.66
C VAL B 202 -6.26 6.96 15.05
N LEU B 203 -5.75 5.90 15.67
CA LEU B 203 -5.97 4.54 15.21
C LEU B 203 -7.28 4.01 15.77
N PHE B 204 -8.09 3.39 14.92
CA PHE B 204 -9.39 2.85 15.36
C PHE B 204 -9.95 1.83 14.39
N LYS B 205 -11.10 1.27 14.74
CA LYS B 205 -11.81 0.31 13.90
C LYS B 205 -13.30 0.46 14.23
N VAL B 206 -14.15 0.20 13.25
CA VAL B 206 -15.59 0.32 13.48
C VAL B 206 -16.15 -1.06 13.80
N ASN B 207 -17.14 -1.07 14.70
CA ASN B 207 -17.76 -2.33 15.09
C ASN B 207 -18.63 -2.86 13.96
N THR B 208 -19.21 -1.96 13.17
CA THR B 208 -20.07 -2.38 12.08
C THR B 208 -19.66 -1.82 10.72
N THR B 209 -19.48 -2.70 9.75
CA THR B 209 -19.10 -2.29 8.41
C THR B 209 -20.19 -1.38 7.83
N GLY B 210 -19.77 -0.32 7.15
CA GLY B 210 -20.72 0.60 6.55
C GLY B 210 -20.06 1.91 6.13
N VAL B 211 -20.87 2.91 5.80
CA VAL B 211 -20.33 4.21 5.41
C VAL B 211 -20.38 5.11 6.62
N TYR B 212 -19.40 6.00 6.74
CA TYR B 212 -19.33 6.88 7.89
C TYR B 212 -19.02 8.32 7.54
N LYS B 213 -19.56 9.23 8.35
CA LYS B 213 -19.30 10.64 8.20
C LYS B 213 -18.35 10.92 9.35
N ILE B 214 -17.23 11.56 9.06
CA ILE B 214 -16.25 11.84 10.09
C ILE B 214 -15.86 13.30 9.95
N THR B 215 -15.71 14.00 11.08
CA THR B 215 -15.33 15.41 11.00
C THR B 215 -15.11 16.02 12.38
N THR B 216 -14.63 17.27 12.36
CA THR B 216 -14.41 18.06 13.56
C THR B 216 -15.73 18.82 13.70
N LYS B 217 -16.14 19.17 14.92
CA LYS B 217 -17.43 19.84 15.10
C LYS B 217 -17.68 21.16 14.34
N ASN B 218 -16.65 21.69 13.69
CA ASN B 218 -16.82 22.91 12.92
C ASN B 218 -16.32 22.72 11.50
N ASN B 219 -16.14 21.45 11.12
CA ASN B 219 -15.67 21.08 9.80
C ASN B 219 -14.29 21.68 9.57
N LEU B 220 -13.57 21.90 10.66
CA LEU B 220 -12.24 22.46 10.60
C LEU B 220 -11.49 21.97 11.85
N PRO B 221 -10.23 21.55 11.69
CA PRO B 221 -9.48 21.51 10.43
C PRO B 221 -9.88 20.32 9.56
N PRO B 222 -9.35 20.25 8.33
CA PRO B 222 -9.70 19.15 7.45
C PRO B 222 -9.05 17.86 7.96
N LEU B 223 -9.71 16.74 7.76
CA LEU B 223 -9.18 15.47 8.20
C LEU B 223 -8.74 14.59 7.03
N ILE B 224 -7.79 13.70 7.29
CA ILE B 224 -7.29 12.74 6.30
C ILE B 224 -7.42 11.35 6.90
N ILE B 225 -7.90 10.38 6.12
CA ILE B 225 -8.02 9.04 6.64
C ILE B 225 -7.21 8.01 5.84
N TYR B 226 -6.60 7.06 6.56
CA TYR B 226 -5.79 6.02 5.94
C TYR B 226 -6.25 4.65 6.38
N GLU B 227 -5.79 3.65 5.66
CA GLU B 227 -6.07 2.26 5.98
C GLU B 227 -4.71 1.69 6.39
N ALA B 228 -4.70 0.85 7.42
CA ALA B 228 -3.46 0.21 7.88
C ALA B 228 -3.28 -1.05 7.03
N ILE B 229 -2.47 -0.96 5.96
CA ILE B 229 -2.27 -2.07 5.04
C ILE B 229 -1.88 -3.42 5.65
N GLY B 230 -2.69 -4.42 5.36
CA GLY B 230 -2.46 -5.76 5.87
C GLY B 230 -3.07 -6.00 7.24
N SER B 231 -3.75 -5.00 7.76
CA SER B 231 -4.39 -5.08 9.08
C SER B 231 -5.58 -6.02 9.11
N SER B 232 -6.19 -6.28 7.97
CA SER B 232 -7.36 -7.14 7.95
C SER B 232 -7.07 -8.62 8.12
N ASN B 233 -7.99 -9.28 8.82
CA ASN B 233 -7.92 -10.71 9.09
C ASN B 233 -6.68 -11.23 9.83
N ARG B 234 -6.29 -10.52 10.89
CA ARG B 234 -5.17 -10.95 11.72
C ARG B 234 -5.75 -11.11 13.13
N ASN B 235 -5.02 -10.71 14.17
CA ASN B 235 -5.57 -10.85 15.50
C ASN B 235 -6.80 -9.96 15.67
N MET B 236 -7.80 -10.46 16.38
CA MET B 236 -9.03 -9.71 16.56
C MET B 236 -9.71 -9.95 17.90
N ASN B 237 -10.38 -8.91 18.39
CA ASN B 237 -11.13 -8.96 19.63
C ASN B 237 -12.36 -8.07 19.47
N SER B 238 -13.53 -8.68 19.53
CA SER B 238 -14.79 -7.96 19.37
C SER B 238 -14.92 -6.75 20.30
N ASN B 239 -14.40 -6.87 21.52
CA ASN B 239 -14.47 -5.78 22.50
C ASN B 239 -13.20 -4.95 22.56
N ASN B 240 -12.27 -5.18 21.65
CA ASN B 240 -11.02 -4.43 21.70
C ASN B 240 -10.23 -4.41 20.39
N LEU B 241 -9.57 -3.30 20.13
CA LEU B 241 -8.77 -3.14 18.91
C LEU B 241 -7.39 -3.75 19.09
N SER B 242 -7.14 -4.85 18.39
CA SER B 242 -5.84 -5.50 18.46
C SER B 242 -4.88 -4.70 17.59
N ASN B 243 -3.75 -4.32 18.15
CA ASN B 243 -2.75 -3.54 17.43
C ASN B 243 -1.69 -4.45 16.77
N ASP B 244 -1.17 -4.01 15.62
CA ASP B 244 -0.13 -4.73 14.88
C ASP B 244 1.00 -3.75 14.59
N ASN B 245 0.94 -2.58 15.21
CA ASN B 245 1.94 -1.55 14.99
C ASN B 245 2.26 -1.41 13.50
N ILE B 246 1.28 -1.65 12.65
CA ILE B 246 1.43 -1.53 11.21
C ILE B 246 1.61 -0.06 10.83
N LYS B 247 2.80 0.30 10.37
CA LYS B 247 3.08 1.69 10.00
C LYS B 247 2.91 1.92 8.51
N ALA B 248 2.38 0.94 7.79
CA ALA B 248 2.19 1.10 6.36
C ALA B 248 0.76 1.57 6.16
N ILE B 249 0.61 2.75 5.56
CA ILE B 249 -0.71 3.31 5.38
C ILE B 249 -1.14 3.65 3.97
N LYS B 250 -2.38 3.30 3.68
CA LYS B 250 -2.98 3.56 2.38
C LYS B 250 -3.96 4.72 2.46
N TYR B 251 -3.62 5.81 1.80
CA TYR B 251 -4.44 7.01 1.76
C TYR B 251 -5.82 6.71 1.15
N ILE B 252 -6.89 7.04 1.87
CA ILE B 252 -8.25 6.83 1.37
C ILE B 252 -8.70 8.16 0.78
N THR B 253 -8.88 9.15 1.65
CA THR B 253 -9.31 10.47 1.23
C THR B 253 -9.02 11.48 2.33
N GLY B 254 -8.91 12.76 1.96
CA GLY B 254 -8.63 13.81 2.93
C GLY B 254 -7.76 14.90 2.33
N LEU B 255 -7.67 16.05 2.98
CA LEU B 255 -6.86 17.17 2.47
C LEU B 255 -6.01 17.84 3.53
N ASN B 256 -4.98 18.56 3.09
CA ASN B 256 -4.10 19.28 4.00
C ASN B 256 -4.43 20.77 4.07
N ARG B 257 -4.90 21.35 2.96
CA ARG B 257 -5.23 22.78 2.89
C ARG B 257 -5.94 23.26 4.16
N SER B 258 -5.39 24.32 4.76
CA SER B 258 -5.91 24.91 6.00
C SER B 258 -7.40 25.26 6.05
N ASP B 259 -7.87 26.01 5.05
CA ASP B 259 -9.26 26.44 5.02
C ASP B 259 -10.24 25.55 4.28
N ALA B 260 -9.95 24.26 4.19
CA ALA B 260 -10.85 23.36 3.50
C ALA B 260 -11.91 22.86 4.49
N LYS B 261 -12.90 23.71 4.77
CA LYS B 261 -13.96 23.34 5.68
C LYS B 261 -14.60 22.09 5.08
N SER B 262 -14.66 21.01 5.85
CA SER B 262 -15.19 19.77 5.32
C SER B 262 -15.43 18.65 6.30
N TYR B 263 -15.92 17.54 5.76
CA TYR B 263 -16.16 16.34 6.53
C TYR B 263 -15.92 15.18 5.57
N LEU B 264 -15.74 13.99 6.12
CA LEU B 264 -15.46 12.83 5.28
C LEU B 264 -16.56 11.82 5.25
N ILE B 265 -16.71 11.19 4.10
CA ILE B 265 -17.69 10.14 3.91
C ILE B 265 -16.88 9.03 3.28
N VAL B 266 -16.70 7.96 4.04
CA VAL B 266 -15.91 6.82 3.60
C VAL B 266 -16.53 5.49 3.96
N SER B 267 -16.14 4.46 3.24
CA SER B 267 -16.64 3.12 3.49
C SER B 267 -15.63 2.41 4.39
N LEU B 268 -16.06 2.01 5.58
CA LEU B 268 -15.16 1.34 6.52
C LEU B 268 -15.59 -0.10 6.81
N PHE B 269 -14.62 -1.01 6.84
CA PHE B 269 -14.89 -2.42 7.10
C PHE B 269 -14.38 -2.77 8.49
N LYS B 270 -15.21 -3.44 9.28
CA LYS B 270 -14.82 -3.76 10.65
C LYS B 270 -13.57 -4.62 10.81
N ASP B 271 -13.24 -5.43 9.80
CA ASP B 271 -12.06 -6.27 9.91
C ASP B 271 -10.74 -5.55 9.65
N LYS B 272 -10.82 -4.24 9.40
CA LYS B 272 -9.62 -3.44 9.13
C LYS B 272 -9.39 -2.38 10.18
N ASN B 273 -8.17 -1.86 10.22
CA ASN B 273 -7.82 -0.79 11.14
C ASN B 273 -7.59 0.45 10.29
N TYR B 274 -7.92 1.61 10.83
CA TYR B 274 -7.76 2.86 10.08
C TYR B 274 -7.04 3.90 10.92
N TYR B 275 -6.55 4.93 10.24
CA TYR B 275 -5.85 6.02 10.88
C TYR B 275 -6.42 7.33 10.36
N ILE B 276 -6.77 8.22 11.29
CA ILE B 276 -7.25 9.54 10.90
C ILE B 276 -6.14 10.47 11.34
N ARG B 277 -5.63 11.27 10.42
CA ARG B 277 -4.58 12.21 10.80
C ARG B 277 -5.23 13.56 11.08
N ILE B 278 -5.08 14.01 12.31
CA ILE B 278 -5.62 15.29 12.73
C ILE B 278 -4.46 16.27 12.68
N PRO B 279 -4.62 17.38 11.95
CA PRO B 279 -3.53 18.36 11.86
C PRO B 279 -3.27 19.03 13.22
N GLN B 280 -2.20 19.81 13.29
CA GLN B 280 -1.88 20.50 14.51
C GLN B 280 -2.90 21.61 14.79
N ILE B 281 -3.60 21.50 15.91
CA ILE B 281 -4.61 22.48 16.33
C ILE B 281 -3.93 23.48 17.27
N SER B 282 -3.50 24.60 16.72
CA SER B 282 -2.84 25.64 17.51
C SER B 282 -3.84 26.50 18.27
N SER B 283 -4.53 25.91 19.25
CA SER B 283 -5.52 26.62 20.03
C SER B 283 -5.66 26.02 21.41
N SER B 284 -6.26 26.76 22.33
CA SER B 284 -6.45 26.27 23.68
C SER B 284 -7.84 25.67 23.90
N THR B 285 -8.68 25.74 22.87
CA THR B 285 -10.04 25.18 22.95
C THR B 285 -10.05 23.75 22.44
N THR B 286 -10.47 22.82 23.31
CA THR B 286 -10.52 21.40 22.96
C THR B 286 -11.36 21.11 21.71
N SER B 287 -10.74 20.44 20.73
CA SER B 287 -11.41 20.07 19.50
C SER B 287 -11.99 18.67 19.64
N GLN B 288 -12.82 18.25 18.68
CA GLN B 288 -13.41 16.93 18.75
C GLN B 288 -13.43 16.23 17.40
N LEU B 289 -13.59 14.92 17.48
CA LEU B 289 -13.63 14.07 16.30
C LEU B 289 -14.96 13.31 16.36
N ILE B 290 -15.90 13.65 15.48
CA ILE B 290 -17.20 12.99 15.50
C ILE B 290 -17.35 11.94 14.42
N PHE B 291 -17.76 10.74 14.83
CA PHE B 291 -17.96 9.60 13.93
C PHE B 291 -19.45 9.28 13.87
N LYS B 292 -19.99 9.06 12.67
CA LYS B 292 -21.38 8.69 12.55
C LYS B 292 -21.65 7.80 11.38
N ARG B 293 -22.18 6.62 11.65
CA ARG B 293 -22.49 5.68 10.59
C ARG B 293 -23.69 6.22 9.83
N GLU B 294 -23.60 6.24 8.51
CA GLU B 294 -24.67 6.73 7.68
C GLU B 294 -25.40 5.62 6.92
N LEU B 295 -26.73 5.69 6.93
CA LEU B 295 -27.55 4.74 6.20
C LEU B 295 -28.05 5.54 5.01
N GLY B 296 -28.34 4.87 3.90
CA GLY B 296 -28.82 5.61 2.73
C GLY B 296 -27.78 5.82 1.64
N ASN B 297 -28.25 6.31 0.50
CA ASN B 297 -27.37 6.54 -0.64
C ASN B 297 -26.39 7.67 -0.48
N ILE B 298 -26.12 8.05 0.77
CA ILE B 298 -25.14 9.11 1.02
C ILE B 298 -23.82 8.41 0.68
N SER B 299 -23.91 7.09 0.63
CA SER B 299 -22.79 6.21 0.29
C SER B 299 -22.32 6.44 -1.14
N ASP B 300 -23.11 7.21 -1.90
CA ASP B 300 -22.76 7.52 -3.29
C ASP B 300 -21.48 8.33 -3.28
N LEU B 301 -21.21 8.97 -2.15
CA LEU B 301 -20.02 9.78 -2.00
C LEU B 301 -18.85 8.97 -1.43
N ALA B 302 -19.12 7.70 -1.16
CA ALA B 302 -18.16 6.73 -0.61
C ALA B 302 -16.71 7.03 -0.95
N ASP B 303 -15.97 7.35 0.10
CA ASP B 303 -14.57 7.72 0.02
C ASP B 303 -14.47 9.00 -0.77
N SER B 304 -14.70 10.11 -0.05
CA SER B 304 -14.65 11.44 -0.63
C SER B 304 -14.60 12.50 0.46
N THR B 305 -13.92 13.59 0.17
CA THR B 305 -13.85 14.71 1.09
C THR B 305 -14.95 15.68 0.62
N VAL B 306 -15.92 15.95 1.48
CA VAL B 306 -17.00 16.86 1.11
C VAL B 306 -16.66 18.29 1.55
N ASN B 307 -16.22 19.11 0.60
CA ASN B 307 -15.85 20.50 0.88
C ASN B 307 -17.06 21.44 0.94
N ILE B 308 -17.27 22.08 2.09
CA ILE B 308 -18.39 23.02 2.22
C ILE B 308 -18.03 24.37 1.59
N LEU B 309 -18.78 24.77 0.57
CA LEU B 309 -18.53 26.03 -0.11
C LEU B 309 -19.10 27.26 0.61
N ASP B 310 -18.28 28.29 0.71
CA ASP B 310 -18.63 29.53 1.39
C ASP B 310 -18.53 30.75 0.46
N ASN B 311 -19.14 31.86 0.89
CA ASN B 311 -19.15 33.11 0.10
C ASN B 311 -19.83 32.95 -1.24
N LEU B 312 -21.01 32.33 -1.22
CA LEU B 312 -21.78 32.08 -2.44
C LEU B 312 -22.71 33.21 -2.84
N ASN B 313 -23.19 33.98 -1.86
CA ASN B 313 -24.10 35.08 -2.13
C ASN B 313 -23.50 36.26 -2.87
N THR B 314 -22.86 35.97 -4.01
CA THR B 314 -22.28 37.01 -4.85
C THR B 314 -22.56 36.54 -6.27
N SER B 315 -22.07 37.26 -7.26
CA SER B 315 -22.32 36.87 -8.64
C SER B 315 -21.01 36.56 -9.35
N GLY B 316 -21.09 35.69 -10.36
CA GLY B 316 -19.89 35.34 -11.10
C GLY B 316 -19.16 34.11 -10.60
N THR B 317 -17.84 34.12 -10.77
CA THR B 317 -17.00 33.00 -10.37
C THR B 317 -16.89 32.77 -8.87
N HIS B 318 -16.73 31.49 -8.52
CA HIS B 318 -16.57 31.06 -7.13
C HIS B 318 -15.61 29.89 -7.17
N TYR B 319 -14.31 30.21 -7.19
CA TYR B 319 -13.26 29.21 -7.25
C TYR B 319 -12.91 28.60 -5.89
N TYR B 320 -12.55 27.32 -5.93
CA TYR B 320 -12.16 26.56 -4.75
C TYR B 320 -11.02 25.62 -5.14
N THR B 321 -9.81 25.97 -4.71
CA THR B 321 -8.62 25.17 -5.00
C THR B 321 -8.44 24.08 -3.95
N ARG B 322 -8.36 22.83 -4.41
CA ARG B 322 -8.18 21.69 -3.50
C ARG B 322 -7.18 20.70 -4.10
N GLN B 323 -6.56 19.88 -3.24
CA GLN B 323 -5.61 18.87 -3.72
C GLN B 323 -6.44 17.88 -4.54
N SER B 324 -6.03 17.67 -5.78
CA SER B 324 -6.79 16.77 -6.65
C SER B 324 -6.71 15.29 -6.32
N PRO B 325 -7.85 14.60 -6.39
CA PRO B 325 -7.89 13.17 -6.11
C PRO B 325 -7.20 12.53 -7.32
N ASP B 326 -6.88 11.25 -7.23
CA ASP B 326 -6.24 10.58 -8.35
C ASP B 326 -7.31 10.21 -9.38
N VAL B 327 -6.89 9.95 -10.61
CA VAL B 327 -7.80 9.55 -11.66
C VAL B 327 -8.65 8.38 -11.14
N GLY B 328 -9.96 8.51 -11.26
CA GLY B 328 -10.84 7.46 -10.80
C GLY B 328 -11.41 7.72 -9.42
N ASN B 329 -10.79 8.63 -8.68
CA ASN B 329 -11.29 8.95 -7.35
C ASN B 329 -12.16 10.21 -7.27
N TYR B 330 -12.84 10.36 -6.14
CA TYR B 330 -13.75 11.49 -5.92
C TYR B 330 -13.24 12.67 -5.08
N ILE B 331 -14.06 13.72 -5.09
CA ILE B 331 -13.86 14.94 -4.32
C ILE B 331 -15.21 15.62 -4.46
N SER B 332 -15.84 15.93 -3.33
CA SER B 332 -17.15 16.54 -3.34
C SER B 332 -17.23 17.97 -2.81
N TYR B 333 -18.34 18.63 -3.14
CA TYR B 333 -18.56 19.99 -2.74
C TYR B 333 -19.99 20.13 -2.27
N GLN B 334 -20.20 20.74 -1.12
CA GLN B 334 -21.53 20.94 -0.60
C GLN B 334 -21.95 22.41 -0.73
N LEU B 335 -23.15 22.61 -1.25
CA LEU B 335 -23.71 23.93 -1.48
C LEU B 335 -25.06 24.18 -0.85
N THR B 336 -25.14 25.22 -0.02
CA THR B 336 -26.41 25.61 0.55
C THR B 336 -26.67 26.92 -0.16
N ILE B 337 -27.65 26.92 -1.07
CA ILE B 337 -27.98 28.09 -1.86
C ILE B 337 -28.40 29.31 -1.04
N PRO B 338 -27.78 30.47 -1.31
CA PRO B 338 -28.10 31.72 -0.58
C PRO B 338 -29.57 32.08 -0.76
N GLY B 339 -30.21 32.53 0.32
CA GLY B 339 -31.61 32.91 0.24
C GLY B 339 -32.46 31.97 1.06
N ASP B 340 -33.72 32.33 1.27
CA ASP B 340 -34.61 31.47 2.06
C ASP B 340 -35.35 30.44 1.22
N PHE B 341 -35.77 29.35 1.86
CA PHE B 341 -36.43 28.27 1.13
C PHE B 341 -37.94 28.22 0.91
N ASN B 342 -38.33 28.28 -0.36
CA ASN B 342 -39.72 28.22 -0.85
C ASN B 342 -39.68 27.69 -2.29
N ASN B 343 -39.68 26.38 -2.47
CA ASN B 343 -39.61 25.78 -3.80
C ASN B 343 -39.33 26.76 -4.94
N ILE B 344 -40.29 27.58 -5.30
CA ILE B 344 -40.09 28.50 -6.43
C ILE B 344 -38.81 29.33 -6.48
N ALA B 345 -38.38 29.91 -5.36
CA ALA B 345 -37.18 30.73 -5.39
C ALA B 345 -35.92 29.95 -5.80
N SER B 346 -35.31 30.35 -6.91
CA SER B 346 -34.11 29.68 -7.42
C SER B 346 -32.98 30.61 -7.84
N SER B 347 -31.84 30.02 -8.18
CA SER B 347 -30.65 30.75 -8.62
C SER B 347 -29.96 29.90 -9.69
N ILE B 348 -29.45 30.54 -10.73
CA ILE B 348 -28.78 29.83 -11.81
C ILE B 348 -27.30 29.61 -11.52
N PHE B 349 -26.86 28.36 -11.71
CA PHE B 349 -25.48 27.96 -11.47
C PHE B 349 -24.86 27.18 -12.63
N SER B 350 -23.55 27.31 -12.77
CA SER B 350 -22.79 26.59 -13.81
C SER B 350 -21.54 26.01 -13.17
N PHE B 351 -21.55 24.69 -12.96
CA PHE B 351 -20.43 24.00 -12.35
C PHE B 351 -19.35 23.72 -13.36
N ARG B 352 -18.10 23.89 -12.95
CA ARG B 352 -16.98 23.74 -13.86
C ARG B 352 -15.71 23.49 -13.05
N THR B 353 -14.68 22.94 -13.69
CA THR B 353 -13.41 22.69 -13.03
C THR B 353 -12.36 23.37 -13.90
N ARG B 354 -11.15 23.59 -13.38
CA ARG B 354 -10.17 24.28 -14.20
C ARG B 354 -8.84 23.58 -14.49
N ASN B 355 -8.28 22.88 -13.51
CA ASN B 355 -7.00 22.24 -13.80
C ASN B 355 -7.17 20.83 -14.35
N ASN B 356 -7.88 19.99 -13.60
CA ASN B 356 -8.10 18.63 -14.01
C ASN B 356 -9.50 18.39 -14.55
N GLN B 357 -9.62 17.39 -15.42
CA GLN B 357 -10.88 17.03 -16.04
C GLN B 357 -11.55 15.97 -15.19
N GLY B 358 -12.87 15.82 -15.34
CA GLY B 358 -13.58 14.82 -14.58
C GLY B 358 -15.03 14.69 -14.95
N ILE B 359 -15.73 13.80 -14.25
CA ILE B 359 -17.16 13.55 -14.46
C ILE B 359 -17.92 14.07 -13.25
N GLY B 360 -18.88 14.94 -13.48
CA GLY B 360 -19.64 15.50 -12.37
C GLY B 360 -21.01 14.88 -12.16
N THR B 361 -21.48 14.93 -10.92
CA THR B 361 -22.79 14.42 -10.56
C THR B 361 -23.37 15.42 -9.54
N LEU B 362 -24.56 15.95 -9.84
CA LEU B 362 -25.19 16.90 -8.93
C LEU B 362 -26.30 16.24 -8.15
N TYR B 363 -26.20 16.32 -6.83
CA TYR B 363 -27.18 15.72 -5.94
C TYR B 363 -27.91 16.79 -5.14
N ARG B 364 -29.16 16.49 -4.79
CA ARG B 364 -29.97 17.38 -3.97
C ARG B 364 -29.97 16.67 -2.62
N LEU B 365 -29.38 17.30 -1.62
CA LEU B 365 -29.33 16.69 -0.30
C LEU B 365 -30.64 16.88 0.44
N THR B 366 -31.19 15.80 0.97
CA THR B 366 -32.45 15.87 1.68
C THR B 366 -32.37 15.18 3.04
N GLU B 367 -33.27 15.58 3.94
CA GLU B 367 -33.30 15.02 5.29
C GLU B 367 -34.49 14.09 5.53
N SER B 368 -34.29 13.11 6.39
CA SER B 368 -35.33 12.13 6.73
C SER B 368 -35.01 11.59 8.11
N ILE B 369 -36.02 11.04 8.79
CA ILE B 369 -35.81 10.49 10.11
C ILE B 369 -35.15 9.12 9.94
N ASN B 370 -34.78 8.83 8.69
CA ASN B 370 -34.12 7.57 8.35
C ASN B 370 -32.75 7.90 7.78
N GLY B 371 -32.25 9.08 8.15
CA GLY B 371 -30.95 9.52 7.69
C GLY B 371 -31.07 10.48 6.52
N TYR B 372 -30.03 10.55 5.70
CA TYR B 372 -30.04 11.42 4.55
C TYR B 372 -30.51 10.69 3.29
N ASN B 373 -30.47 11.41 2.17
CA ASN B 373 -30.88 10.86 0.89
C ASN B 373 -30.46 11.84 -0.19
N LEU B 374 -29.87 11.31 -1.26
CA LEU B 374 -29.44 12.13 -2.36
C LEU B 374 -30.35 11.87 -3.56
N ILE B 375 -30.67 12.94 -4.29
CA ILE B 375 -31.52 12.82 -5.47
C ILE B 375 -30.67 13.35 -6.60
N THR B 376 -30.41 12.51 -7.60
CA THR B 376 -29.60 12.95 -8.73
C THR B 376 -30.37 14.01 -9.51
N ILE B 377 -29.75 15.18 -9.67
CA ILE B 377 -30.36 16.27 -10.40
C ILE B 377 -29.88 16.26 -11.84
N ASN B 378 -28.61 15.92 -12.02
CA ASN B 378 -28.04 15.89 -13.35
C ASN B 378 -26.62 15.31 -13.28
N ASN B 379 -26.09 14.93 -14.43
CA ASN B 379 -24.74 14.38 -14.53
C ASN B 379 -23.99 15.17 -15.59
N TYR B 380 -22.67 15.23 -15.46
CA TYR B 380 -21.85 15.98 -16.42
C TYR B 380 -20.67 15.13 -16.91
N SER B 381 -20.60 14.92 -18.21
CA SER B 381 -19.53 14.12 -18.79
C SER B 381 -18.32 14.97 -19.18
N ASP B 382 -18.39 16.27 -18.92
CA ASP B 382 -17.30 17.18 -19.22
C ASP B 382 -17.41 18.40 -18.32
N LEU B 383 -16.55 18.48 -17.30
CA LEU B 383 -16.57 19.58 -16.35
C LEU B 383 -15.62 20.71 -16.73
N LEU B 384 -14.53 20.34 -17.39
CA LEU B 384 -13.52 21.30 -17.79
C LEU B 384 -14.06 22.23 -18.91
N ASN B 385 -15.14 21.82 -19.54
CA ASN B 385 -15.73 22.61 -20.63
C ASN B 385 -17.24 22.79 -20.50
N ASN B 386 -17.76 22.55 -19.30
CA ASN B 386 -19.20 22.69 -19.10
C ASN B 386 -19.66 24.15 -19.16
N VAL B 387 -20.81 24.35 -19.81
CA VAL B 387 -21.40 25.68 -19.96
C VAL B 387 -22.89 25.59 -19.64
N GLU B 388 -23.39 24.37 -19.53
CA GLU B 388 -24.79 24.12 -19.22
C GLU B 388 -25.14 24.64 -17.83
N PRO B 389 -26.10 25.57 -17.74
CA PRO B 389 -26.50 26.13 -16.45
C PRO B 389 -27.58 25.26 -15.79
N ILE B 390 -27.78 25.46 -14.50
CA ILE B 390 -28.76 24.69 -13.74
C ILE B 390 -29.36 25.60 -12.66
N SER B 391 -30.68 25.51 -12.46
CA SER B 391 -31.33 26.35 -11.45
C SER B 391 -31.55 25.57 -10.17
N LEU B 392 -31.02 26.10 -9.08
CA LEU B 392 -31.12 25.46 -7.77
C LEU B 392 -32.00 26.24 -6.79
N LEU B 393 -32.84 25.51 -6.07
CA LEU B 393 -33.73 26.10 -5.09
C LEU B 393 -32.94 26.79 -3.98
N ASN B 394 -33.20 28.08 -3.78
CA ASN B 394 -32.54 28.86 -2.75
C ASN B 394 -32.86 28.29 -1.37
N GLY B 395 -31.86 28.33 -0.49
CA GLY B 395 -32.07 27.80 0.85
C GLY B 395 -31.97 26.29 0.90
N ALA B 396 -31.77 25.68 -0.26
CA ALA B 396 -31.63 24.22 -0.32
C ALA B 396 -30.16 23.86 -0.39
N THR B 397 -29.84 22.60 -0.07
CA THR B 397 -28.46 22.15 -0.10
C THR B 397 -28.22 21.06 -1.14
N TYR B 398 -27.19 21.29 -1.95
CA TYR B 398 -26.79 20.38 -3.02
C TYR B 398 -25.35 19.92 -2.83
N ILE B 399 -25.06 18.71 -3.29
CA ILE B 399 -23.70 18.18 -3.21
C ILE B 399 -23.26 17.81 -4.62
N PHE B 400 -22.11 18.33 -5.03
CA PHE B 400 -21.57 18.06 -6.36
C PHE B 400 -20.36 17.11 -6.23
N ARG B 401 -20.45 15.96 -6.87
CA ARG B 401 -19.38 14.96 -6.84
C ARG B 401 -18.56 14.97 -8.12
N VAL B 402 -17.24 15.04 -7.97
CA VAL B 402 -16.34 15.03 -9.11
C VAL B 402 -15.48 13.77 -9.16
N LYS B 403 -15.50 13.07 -10.29
CA LYS B 403 -14.66 11.89 -10.46
C LYS B 403 -13.54 12.31 -11.41
N VAL B 404 -12.31 12.38 -10.90
CA VAL B 404 -11.20 12.80 -11.74
C VAL B 404 -10.96 11.81 -12.89
N THR B 405 -10.83 12.33 -14.10
CA THR B 405 -10.57 11.49 -15.26
C THR B 405 -9.25 11.88 -15.89
N GLU B 406 -8.72 13.02 -15.47
CA GLU B 406 -7.46 13.51 -16.02
C GLU B 406 -6.69 14.34 -14.99
N LEU B 407 -5.55 13.81 -14.53
CA LEU B 407 -4.73 14.48 -13.52
C LEU B 407 -3.61 15.30 -14.12
N ASN B 408 -3.91 16.54 -14.51
CA ASN B 408 -2.92 17.43 -15.12
C ASN B 408 -2.14 18.26 -14.12
N ASN B 409 -2.76 18.54 -12.97
CA ASN B 409 -2.12 19.37 -11.96
C ASN B 409 -2.39 18.88 -10.54
N TYR B 410 -1.47 19.20 -9.63
CA TYR B 410 -1.58 18.81 -8.23
C TYR B 410 -2.93 19.21 -7.63
N ASN B 411 -3.40 20.40 -7.99
CA ASN B 411 -4.68 20.91 -7.51
C ASN B 411 -5.77 20.88 -8.56
N ILE B 412 -6.99 20.63 -8.11
CA ILE B 412 -8.16 20.61 -8.97
C ILE B 412 -8.94 21.87 -8.57
N ILE B 413 -9.24 22.72 -9.53
CA ILE B 413 -9.99 23.93 -9.23
C ILE B 413 -11.48 23.77 -9.56
N PHE B 414 -12.33 23.98 -8.56
CA PHE B 414 -13.77 23.87 -8.76
C PHE B 414 -14.38 25.27 -8.85
N ASP B 415 -15.23 25.49 -9.84
CA ASP B 415 -15.87 26.79 -10.04
C ASP B 415 -17.38 26.69 -10.00
N ALA B 416 -17.98 27.21 -8.93
CA ALA B 416 -19.43 27.19 -8.79
C ALA B 416 -19.94 28.54 -9.29
N TYR B 417 -19.88 28.73 -10.61
CA TYR B 417 -20.30 29.96 -11.25
C TYR B 417 -21.78 30.28 -11.05
N ARG B 418 -22.05 31.48 -10.53
CA ARG B 418 -23.41 31.90 -10.29
C ARG B 418 -23.87 32.85 -11.40
N ASN B 419 -24.95 32.45 -12.08
CA ASN B 419 -25.52 33.23 -13.17
C ASN B 419 -26.57 34.20 -12.64
N SER B 420 -27.21 33.82 -11.54
CA SER B 420 -28.24 34.63 -10.90
C SER B 420 -28.64 34.03 -9.54
C1 NAG C . -0.55 35.03 0.85
C2 NAG C . -1.12 34.10 1.93
C3 NAG C . -2.13 33.13 1.31
C4 NAG C . -3.17 33.86 0.45
C5 NAG C . -2.50 34.86 -0.50
C6 NAG C . -3.49 35.72 -1.24
C7 NAG C . 0.55 33.82 3.65
C8 NAG C . 1.93 34.44 3.50
N2 NAG C . -0.04 33.35 2.55
O1 NAG C . 0.30 35.95 1.43
O3 NAG C . -2.80 32.41 2.34
O4 NAG C . -3.88 32.89 -0.33
O5 NAG C . -1.62 35.74 0.22
O6 NAG C . -3.46 35.44 -2.64
O7 NAG C . 0.01 33.78 4.77
C1 GAL C . -5.26 32.89 -0.27
C2 GAL C . -5.78 32.02 -1.39
C3 GAL C . -7.28 31.79 -1.30
C4 GAL C . -7.69 31.38 0.12
C5 GAL C . -7.08 32.30 1.17
C6 GAL C . -7.33 31.79 2.57
O2 GAL C . -5.47 32.60 -2.64
O3 GAL C . -7.61 30.73 -2.21
O4 GAL C . -7.32 30.03 0.37
O5 GAL C . -5.65 32.36 1.00
O6 GAL C . -7.13 32.81 3.54
C1 SIA C . -9.01 29.24 -3.40
C2 SIA C . -8.92 30.57 -2.62
C3 SIA C . -9.38 31.73 -3.51
C4 SIA C . -10.87 31.62 -3.85
C5 SIA C . -11.71 31.40 -2.58
C6 SIA C . -11.14 30.21 -1.80
C7 SIA C . -11.92 29.92 -0.53
C8 SIA C . -11.25 28.78 0.22
C9 SIA C . -12.11 28.30 1.39
C10 SIA C . -14.04 32.01 -2.63
C11 SIA C . -15.47 31.67 -3.04
N5 SIA C . -13.08 31.15 -2.96
O1A SIA C . -8.43 29.16 -4.52
O1B SIA C . -9.60 28.27 -2.89
O4 SIA C . -11.31 32.80 -4.50
O6 SIA C . -9.76 30.46 -1.46
O7 SIA C . -11.95 31.08 0.29
O8 SIA C . -11.02 27.69 -0.66
O9 SIA C . -13.29 27.66 0.90
O10 SIA C . -13.82 33.05 -2.01
C1 MRD D . 15.45 -28.06 -8.55
C2 MRD D . 15.68 -26.96 -9.57
O2 MRD D . 15.12 -27.36 -10.83
CM MRD D . 14.99 -25.71 -9.09
C3 MRD D . 17.18 -26.72 -9.73
C4 MRD D . 18.02 -27.95 -10.05
O4 MRD D . 18.03 -28.83 -8.92
C5 MRD D . 19.45 -27.58 -10.40
C1 MRD E . 22.60 -24.15 0.46
C2 MRD E . 21.91 -25.45 0.01
O2 MRD E . 22.91 -26.46 -0.21
CM MRD E . 20.94 -25.92 1.07
C3 MRD E . 21.18 -25.19 -1.30
C4 MRD E . 19.95 -24.27 -1.21
O4 MRD E . 18.89 -24.97 -0.56
C5 MRD E . 19.49 -23.83 -2.60
C1 MRD F . -2.77 -1.41 -6.00
C2 MRD F . -1.67 -1.44 -4.96
O2 MRD F . -1.90 -2.54 -4.06
CM MRD F . -0.31 -1.64 -5.64
C3 MRD F . -1.68 -0.14 -4.16
C4 MRD F . -0.55 0.11 -3.15
O4 MRD F . -1.04 0.85 -2.03
C5 MRD F . 0.61 0.84 -3.80
C1 MRD G . 11.04 15.44 10.14
C2 MRD G . 10.46 14.50 9.09
O2 MRD G . 10.93 14.90 7.79
CM MRD G . 10.88 13.07 9.36
C3 MRD G . 8.93 14.58 9.11
C4 MRD G . 8.30 15.93 8.78
O4 MRD G . 6.92 15.91 9.15
C5 MRD G . 8.43 16.29 7.31
C1 MRD H . 19.57 -17.24 -28.99
C2 MRD H . 20.91 -17.61 -28.38
O2 MRD H . 21.65 -18.42 -29.31
CM MRD H . 21.70 -16.35 -28.06
C3 MRD H . 20.67 -18.40 -27.09
C4 MRD H . 19.77 -19.63 -27.12
O4 MRD H . 19.63 -20.15 -25.79
C5 MRD H . 20.32 -20.72 -28.02
#